data_5VI6
#
_entry.id   5VI6
#
_cell.length_a   50.980
_cell.length_b   50.980
_cell.length_c   116.517
_cell.angle_alpha   90.00
_cell.angle_beta   90.00
_cell.angle_gamma   120.00
#
_symmetry.space_group_name_H-M   'P 32'
#
loop_
_entity.id
_entity.type
_entity.pdbx_description
1 polymer 'Histone deacetylase 8'
2 polymer 'Trapoxin A'
3 non-polymer 'ZINC ION'
4 non-polymer 'POTASSIUM ION'
5 non-polymer 1,2-ETHANEDIOL
6 non-polymer '1,4-DIETHYLENE DIOXIDE'
7 water water
#
loop_
_entity_poly.entity_id
_entity_poly.type
_entity_poly.pdbx_seq_one_letter_code
_entity_poly.pdbx_strand_id
1 'polypeptide(L)'
;SNADSGQSLVPVYIYSPEYVSMCDSLAKIPKRASMVHSLIEAYALHKQMRIVKPKVASMEEMATFHTDAYLQHLQKVSQE
GDDDHPDSIEYGLGYDCPATEGIFDYAAAIGGATITAAQCLIDGMCKVAINWSGGWHHAKKDEASGFCYLNDAVLGILRL
RRKFERILYVDLDLHHGDGVEDAFSFTSKVMTVSLHKFSPGFFPGTGDVSDVGLGKGRYYSVNVPIQDGIQDEKYYQICE
SVLKEVYQAFNPKAVVLQLGADTIAGDPMCSFNMTPVGIGKCLKYILQWQLATLILGGGGYNLANTARCWTYLTGVILGK
TLSSEIPDHEFFTAYGPDYVLEITPSCRPDRNEPHRIQQILNYIKGNLKHVV
;
A
2 'polypeptide(L)' FF(CPI)(5OM) B
#
loop_
_chem_comp.id
_chem_comp.type
_chem_comp.name
_chem_comp.formula
DIO non-polymer '1,4-DIETHYLENE DIOXIDE' 'C4 H8 O2'
EDO non-polymer 1,2-ETHANEDIOL 'C2 H6 O2'
K non-polymer 'POTASSIUM ION' 'K 1'
ZN non-polymer 'ZINC ION' 'Zn 2'
#
# COMPACT_ATOMS: atom_id res chain seq x y z
N LEU A 9 5.66 -5.48 22.20
CA LEU A 9 6.78 -4.79 21.58
C LEU A 9 7.20 -5.40 20.23
N VAL A 10 6.98 -6.70 20.05
CA VAL A 10 7.26 -7.37 18.78
C VAL A 10 6.21 -6.92 17.77
N PRO A 11 6.53 -6.84 16.47
CA PRO A 11 5.50 -6.45 15.49
C PRO A 11 4.41 -7.49 15.42
N VAL A 12 3.19 -7.01 15.19
CA VAL A 12 2.05 -7.87 14.92
C VAL A 12 2.02 -8.19 13.43
N TYR A 13 1.77 -9.45 13.12
CA TYR A 13 1.64 -9.96 11.76
C TYR A 13 0.21 -10.48 11.62
N ILE A 14 -0.59 -9.82 10.79
CA ILE A 14 -1.99 -10.23 10.62
C ILE A 14 -2.01 -11.41 9.66
N TYR A 15 -2.49 -12.55 10.16
CA TYR A 15 -2.44 -13.79 9.40
C TYR A 15 -3.42 -14.81 9.98
N SER A 16 -4.11 -15.51 9.09
CA SER A 16 -4.73 -16.78 9.42
C SER A 16 -4.82 -17.58 8.14
N PRO A 17 -4.92 -18.90 8.22
CA PRO A 17 -5.05 -19.70 6.99
C PRO A 17 -6.27 -19.32 6.17
N GLU A 18 -7.39 -19.05 6.82
N GLU A 18 -7.39 -19.05 6.83
CA GLU A 18 -8.58 -18.70 6.06
CA GLU A 18 -8.60 -18.69 6.11
C GLU A 18 -8.42 -17.34 5.39
C GLU A 18 -8.44 -17.36 5.40
N TYR A 19 -7.72 -16.41 6.04
CA TYR A 19 -7.51 -15.12 5.44
C TYR A 19 -6.61 -15.22 4.22
N VAL A 20 -5.51 -15.97 4.31
CA VAL A 20 -4.63 -16.12 3.14
C VAL A 20 -5.39 -16.78 1.99
N SER A 21 -6.18 -17.82 2.27
N SER A 21 -6.19 -17.81 2.29
CA SER A 21 -6.92 -18.48 1.21
CA SER A 21 -6.94 -18.50 1.24
C SER A 21 -7.91 -17.53 0.56
C SER A 21 -7.93 -17.55 0.56
N MET A 22 -8.63 -16.73 1.35
CA MET A 22 -9.50 -15.71 0.78
C MET A 22 -8.71 -14.75 -0.11
N CYS A 23 -7.58 -14.24 0.39
CA CYS A 23 -6.84 -13.25 -0.38
C CYS A 23 -6.24 -13.85 -1.63
N ASP A 24 -5.90 -15.15 -1.60
CA ASP A 24 -5.37 -15.83 -2.77
C ASP A 24 -6.35 -15.83 -3.94
N SER A 25 -7.64 -15.58 -3.67
CA SER A 25 -8.70 -15.72 -4.66
C SER A 25 -8.90 -14.49 -5.53
N LEU A 26 -8.23 -13.36 -5.26
CA LEU A 26 -8.41 -12.22 -6.15
C LEU A 26 -7.71 -12.47 -7.48
N ALA A 27 -8.44 -12.30 -8.58
CA ALA A 27 -8.00 -12.87 -9.85
C ALA A 27 -6.78 -12.13 -10.43
N LYS A 28 -6.56 -10.86 -10.10
CA LYS A 28 -5.37 -10.19 -10.63
C LYS A 28 -4.08 -10.67 -9.96
N ILE A 29 -4.18 -11.37 -8.83
CA ILE A 29 -3.01 -11.71 -8.04
C ILE A 29 -3.16 -13.12 -7.46
N PRO A 30 -3.43 -14.12 -8.28
CA PRO A 30 -3.69 -15.47 -7.76
C PRO A 30 -2.51 -16.01 -6.96
N LYS A 31 -2.80 -16.51 -5.75
CA LYS A 31 -1.82 -17.14 -4.87
C LYS A 31 -0.79 -16.15 -4.33
N ARG A 32 -0.94 -14.86 -4.59
CA ARG A 32 0.07 -13.92 -4.11
C ARG A 32 0.18 -13.94 -2.59
N ALA A 33 -0.95 -13.99 -1.87
CA ALA A 33 -0.90 -13.98 -0.43
C ALA A 33 -0.12 -15.19 0.10
N SER A 34 -0.38 -16.37 -0.46
CA SER A 34 0.35 -17.56 -0.05
C SER A 34 1.83 -17.45 -0.37
N MET A 35 2.18 -16.85 -1.51
CA MET A 35 3.59 -16.70 -1.86
C MET A 35 4.30 -15.79 -0.86
N VAL A 36 3.67 -14.66 -0.53
CA VAL A 36 4.24 -13.71 0.42
C VAL A 36 4.43 -14.39 1.77
N HIS A 37 3.37 -15.02 2.26
CA HIS A 37 3.41 -15.66 3.58
C HIS A 37 4.43 -16.79 3.61
N SER A 38 4.47 -17.61 2.55
N SER A 38 4.43 -17.63 2.56
CA SER A 38 5.37 -18.77 2.58
CA SER A 38 5.36 -18.74 2.50
C SER A 38 6.84 -18.36 2.45
C SER A 38 6.80 -18.26 2.56
N LEU A 39 7.12 -17.22 1.80
CA LEU A 39 8.50 -16.75 1.76
C LEU A 39 8.91 -16.16 3.10
N ILE A 40 8.02 -15.38 3.72
CA ILE A 40 8.23 -14.89 5.08
C ILE A 40 8.54 -16.06 6.02
N GLU A 41 7.73 -17.13 5.94
CA GLU A 41 7.95 -18.29 6.80
C GLU A 41 9.23 -19.02 6.44
N ALA A 42 9.57 -19.11 5.15
CA ALA A 42 10.80 -19.78 4.76
C ALA A 42 12.03 -19.10 5.33
N TYR A 43 11.95 -17.78 5.52
CA TYR A 43 13.00 -17.02 6.18
C TYR A 43 12.84 -16.99 7.69
N ALA A 44 11.84 -17.72 8.21
CA ALA A 44 11.59 -17.87 9.66
C ALA A 44 11.19 -16.56 10.32
N LEU A 45 10.69 -15.59 9.57
CA LEU A 45 10.43 -14.28 10.15
C LEU A 45 9.19 -14.27 11.03
N HIS A 46 8.25 -15.19 10.79
CA HIS A 46 7.05 -15.28 11.63
C HIS A 46 7.39 -15.61 13.07
N LYS A 47 8.53 -16.24 13.33
CA LYS A 47 8.92 -16.54 14.69
C LYS A 47 9.29 -15.31 15.49
N GLN A 48 9.52 -14.18 14.82
CA GLN A 48 9.89 -12.92 15.45
C GLN A 48 8.73 -11.95 15.54
N MET A 49 7.52 -12.40 15.24
CA MET A 49 6.34 -11.55 15.22
C MET A 49 5.22 -12.21 16.02
N ARG A 50 4.25 -11.40 16.41
CA ARG A 50 3.05 -11.88 17.08
C ARG A 50 1.96 -12.06 16.03
N ILE A 51 1.60 -13.30 15.79
CA ILE A 51 0.57 -13.60 14.80
C ILE A 51 -0.79 -13.31 15.41
N VAL A 52 -1.58 -12.51 14.70
CA VAL A 52 -2.92 -12.15 15.15
C VAL A 52 -3.89 -12.48 14.03
N LYS A 53 -4.92 -13.25 14.36
N LYS A 53 -4.93 -13.25 14.35
CA LYS A 53 -5.94 -13.60 13.37
CA LYS A 53 -5.93 -13.60 13.37
C LYS A 53 -6.79 -12.37 13.07
C LYS A 53 -6.78 -12.37 13.06
N PRO A 54 -7.05 -12.06 11.80
CA PRO A 54 -7.91 -10.93 11.48
C PRO A 54 -9.37 -11.27 11.73
N LYS A 55 -10.10 -10.28 12.23
CA LYS A 55 -11.55 -10.38 12.29
C LYS A 55 -12.13 -9.99 10.95
N VAL A 56 -13.36 -10.40 10.71
CA VAL A 56 -14.09 -9.96 9.53
C VAL A 56 -14.82 -8.68 9.86
N ALA A 57 -14.72 -7.67 8.99
CA ALA A 57 -15.41 -6.42 9.25
C ALA A 57 -16.92 -6.60 9.15
N SER A 58 -17.64 -5.91 10.03
CA SER A 58 -19.09 -5.87 9.91
C SER A 58 -19.48 -4.75 8.95
N MET A 59 -20.72 -4.81 8.47
CA MET A 59 -21.20 -3.71 7.64
C MET A 59 -21.18 -2.38 8.40
N GLU A 60 -21.43 -2.43 9.70
CA GLU A 60 -21.38 -1.23 10.51
C GLU A 60 -19.98 -0.61 10.46
N GLU A 61 -18.94 -1.43 10.61
CA GLU A 61 -17.57 -0.90 10.52
C GLU A 61 -17.26 -0.38 9.12
N MET A 62 -17.68 -1.09 8.08
CA MET A 62 -17.44 -0.62 6.73
C MET A 62 -18.12 0.72 6.46
N ALA A 63 -19.26 0.94 7.09
CA ALA A 63 -20.04 2.15 6.91
C ALA A 63 -19.43 3.36 7.60
N THR A 64 -18.33 3.21 8.35
CA THR A 64 -17.63 4.40 8.83
C THR A 64 -17.04 5.19 7.67
N PHE A 65 -16.91 4.56 6.50
CA PHE A 65 -16.48 5.28 5.29
C PHE A 65 -17.42 5.06 4.13
N HIS A 66 -17.76 3.81 3.83
CA HIS A 66 -18.56 3.54 2.64
C HIS A 66 -20.04 3.83 2.91
N THR A 67 -20.75 4.29 1.87
CA THR A 67 -22.15 4.66 2.06
C THR A 67 -23.04 3.42 2.26
N ASP A 68 -24.17 3.64 2.94
CA ASP A 68 -25.11 2.56 3.16
C ASP A 68 -25.52 1.95 1.83
N ALA A 69 -25.78 2.80 0.83
CA ALA A 69 -26.30 2.31 -0.45
C ALA A 69 -25.25 1.53 -1.21
N TYR A 70 -23.99 1.97 -1.17
CA TYR A 70 -22.92 1.20 -1.80
C TYR A 70 -22.79 -0.17 -1.15
N LEU A 71 -22.85 -0.22 0.17
CA LEU A 71 -22.73 -1.50 0.87
C LEU A 71 -23.92 -2.40 0.59
N GLN A 72 -25.11 -1.83 0.43
CA GLN A 72 -26.23 -2.69 0.01
C GLN A 72 -25.99 -3.27 -1.37
N HIS A 73 -25.50 -2.46 -2.29
CA HIS A 73 -25.28 -2.94 -3.65
C HIS A 73 -24.18 -3.99 -3.69
N LEU A 74 -23.09 -3.78 -2.94
CA LEU A 74 -22.01 -4.74 -2.90
C LEU A 74 -22.52 -6.09 -2.40
N GLN A 75 -23.36 -6.09 -1.34
CA GLN A 75 -23.92 -7.34 -0.83
C GLN A 75 -24.80 -8.00 -1.88
N LYS A 76 -25.61 -7.21 -2.58
CA LYS A 76 -26.54 -7.77 -3.56
C LYS A 76 -25.77 -8.48 -4.66
N VAL A 77 -24.76 -7.82 -5.23
N VAL A 77 -24.77 -7.80 -5.23
CA VAL A 77 -24.04 -8.44 -6.35
CA VAL A 77 -23.97 -8.38 -6.31
C VAL A 77 -23.15 -9.57 -5.86
C VAL A 77 -23.26 -9.63 -5.81
N SER A 78 -22.78 -9.59 -4.58
CA SER A 78 -22.01 -10.69 -4.03
C SER A 78 -22.83 -11.97 -3.96
N GLN A 79 -24.14 -11.85 -3.77
CA GLN A 79 -25.04 -12.98 -3.76
C GLN A 79 -25.50 -13.35 -5.16
N GLU A 80 -25.77 -12.35 -6.01
CA GLU A 80 -26.53 -12.55 -7.24
C GLU A 80 -25.67 -12.57 -8.50
N GLY A 81 -24.80 -11.58 -8.68
CA GLY A 81 -23.90 -11.55 -9.84
C GLY A 81 -24.01 -10.32 -10.72
N GLU A 90 -22.84 0.19 -12.34
CA GLU A 90 -23.23 0.94 -11.15
C GLU A 90 -22.13 0.87 -10.13
N TYR A 91 -21.85 1.97 -9.43
CA TYR A 91 -20.99 1.94 -8.25
C TYR A 91 -19.56 1.50 -8.59
N GLY A 92 -19.15 1.66 -9.84
CA GLY A 92 -17.80 1.33 -10.26
C GLY A 92 -17.54 -0.14 -10.51
N LEU A 93 -18.56 -0.98 -10.61
CA LEU A 93 -18.32 -2.41 -10.81
C LEU A 93 -18.34 -2.76 -12.30
N GLY A 94 -17.69 -3.87 -12.65
CA GLY A 94 -17.81 -4.46 -13.98
C GLY A 94 -16.55 -4.65 -14.80
N TYR A 95 -15.66 -3.66 -14.77
CA TYR A 95 -14.41 -3.67 -15.55
C TYR A 95 -13.21 -4.01 -14.65
N ASP A 96 -12.49 -3.00 -14.15
CA ASP A 96 -11.40 -3.30 -13.22
C ASP A 96 -11.91 -3.98 -11.95
N CYS A 97 -13.18 -3.77 -11.58
N CYS A 97 -13.19 -3.79 -11.60
CA CYS A 97 -13.76 -4.35 -10.37
CA CYS A 97 -13.79 -4.33 -10.39
C CYS A 97 -14.99 -5.15 -10.78
C CYS A 97 -15.00 -5.16 -10.78
N PRO A 98 -14.79 -6.36 -11.31
CA PRO A 98 -15.93 -7.15 -11.77
C PRO A 98 -16.94 -7.42 -10.67
N ALA A 99 -18.21 -7.46 -11.06
CA ALA A 99 -19.32 -7.76 -10.15
C ALA A 99 -19.46 -9.28 -10.10
N THR A 100 -18.74 -9.92 -9.20
N THR A 100 -18.76 -9.90 -9.17
CA THR A 100 -18.79 -11.38 -9.13
CA THR A 100 -18.70 -11.35 -9.08
C THR A 100 -19.19 -11.83 -7.72
C THR A 100 -19.18 -11.82 -7.72
N GLU A 101 -19.54 -13.11 -7.64
CA GLU A 101 -20.03 -13.69 -6.41
C GLU A 101 -18.94 -13.68 -5.35
N GLY A 102 -19.34 -13.36 -4.12
CA GLY A 102 -18.43 -13.40 -2.99
C GLY A 102 -17.65 -12.13 -2.75
N ILE A 103 -17.83 -11.09 -3.57
CA ILE A 103 -16.98 -9.91 -3.41
C ILE A 103 -17.20 -9.24 -2.06
N PHE A 104 -18.40 -9.33 -1.49
CA PHE A 104 -18.63 -8.69 -0.20
C PHE A 104 -17.84 -9.36 0.92
N ASP A 105 -17.78 -10.69 0.92
CA ASP A 105 -17.03 -11.40 1.95
C ASP A 105 -15.56 -11.14 1.80
N TYR A 106 -15.09 -11.03 0.57
CA TYR A 106 -13.71 -10.67 0.33
C TYR A 106 -13.42 -9.26 0.85
N ALA A 107 -14.30 -8.31 0.55
CA ALA A 107 -14.13 -6.95 1.06
C ALA A 107 -14.13 -6.94 2.57
N ALA A 108 -15.05 -7.67 3.18
CA ALA A 108 -15.15 -7.67 4.64
C ALA A 108 -13.90 -8.27 5.27
N ALA A 109 -13.32 -9.29 4.64
CA ALA A 109 -12.11 -9.91 5.19
C ALA A 109 -10.94 -8.94 5.12
N ILE A 110 -10.75 -8.28 3.99
CA ILE A 110 -9.63 -7.37 3.84
C ILE A 110 -9.82 -6.14 4.71
N GLY A 111 -11.03 -5.58 4.73
CA GLY A 111 -11.28 -4.46 5.62
C GLY A 111 -11.07 -4.85 7.07
N GLY A 112 -11.56 -6.03 7.46
CA GLY A 112 -11.42 -6.49 8.84
C GLY A 112 -9.98 -6.68 9.26
N ALA A 113 -9.14 -7.14 8.33
CA ALA A 113 -7.74 -7.35 8.67
C ALA A 113 -7.04 -6.03 8.98
N THR A 114 -7.32 -4.99 8.19
CA THR A 114 -6.68 -3.71 8.44
C THR A 114 -7.22 -3.07 9.70
N ILE A 115 -8.54 -3.20 9.94
CA ILE A 115 -9.11 -2.73 11.21
C ILE A 115 -8.45 -3.45 12.39
N THR A 116 -8.27 -4.77 12.30
CA THR A 116 -7.64 -5.53 13.38
C THR A 116 -6.22 -5.02 13.64
N ALA A 117 -5.46 -4.76 12.58
CA ALA A 117 -4.13 -4.19 12.75
C ALA A 117 -4.19 -2.86 13.49
N ALA A 118 -5.12 -1.98 13.08
CA ALA A 118 -5.27 -0.70 13.75
C ALA A 118 -5.64 -0.88 15.21
N GLN A 119 -6.53 -1.84 15.50
CA GLN A 119 -6.94 -2.08 16.88
C GLN A 119 -5.76 -2.51 17.73
N CYS A 120 -4.89 -3.36 17.17
CA CYS A 120 -3.69 -3.77 17.90
C CYS A 120 -2.84 -2.57 18.27
N LEU A 121 -2.73 -1.61 17.34
CA LEU A 121 -1.95 -0.40 17.59
C LEU A 121 -2.60 0.49 18.65
N ILE A 122 -3.92 0.71 18.57
CA ILE A 122 -4.58 1.55 19.58
C ILE A 122 -4.56 0.88 20.94
N ASP A 123 -4.58 -0.45 21.00
CA ASP A 123 -4.53 -1.16 22.27
C ASP A 123 -3.13 -1.22 22.86
N GLY A 124 -2.12 -0.78 22.12
CA GLY A 124 -0.75 -0.83 22.61
C GLY A 124 -0.14 -2.21 22.60
N MET A 125 -0.71 -3.14 21.84
CA MET A 125 -0.16 -4.47 21.71
C MET A 125 1.18 -4.46 21.01
N CYS A 126 1.44 -3.42 20.23
CA CYS A 126 2.60 -3.39 19.35
C CYS A 126 2.76 -1.94 18.90
N LYS A 127 3.92 -1.65 18.30
CA LYS A 127 4.13 -0.38 17.62
C LYS A 127 4.11 -0.50 16.10
N VAL A 128 4.24 -1.72 15.57
CA VAL A 128 4.11 -1.97 14.13
C VAL A 128 3.16 -3.13 13.96
N ALA A 129 2.16 -2.97 13.09
CA ALA A 129 1.24 -4.05 12.76
C ALA A 129 1.15 -4.18 11.26
N ILE A 130 1.25 -5.40 10.75
CA ILE A 130 1.46 -5.67 9.33
C ILE A 130 0.27 -6.41 8.74
N ASN A 131 -0.31 -5.84 7.68
CA ASN A 131 -1.32 -6.52 6.86
C ASN A 131 -0.89 -6.41 5.41
N TRP A 132 -0.05 -7.35 4.96
CA TRP A 132 0.47 -7.26 3.61
C TRP A 132 -0.63 -7.40 2.56
N SER A 133 -1.75 -8.01 2.90
CA SER A 133 -2.81 -8.19 1.93
C SER A 133 -3.79 -7.02 1.85
N GLY A 134 -3.56 -5.94 2.60
CA GLY A 134 -4.35 -4.73 2.52
C GLY A 134 -3.72 -3.70 1.57
N GLY A 135 -4.21 -2.48 1.65
CA GLY A 135 -3.71 -1.39 0.85
C GLY A 135 -4.52 -1.04 -0.38
N TRP A 136 -5.83 -1.28 -0.36
CA TRP A 136 -6.67 -1.15 -1.55
C TRP A 136 -7.17 0.30 -1.66
N HIS A 137 -6.21 1.16 -2.05
CA HIS A 137 -6.28 2.60 -1.82
C HIS A 137 -7.15 3.40 -2.79
N HIS A 138 -7.71 2.78 -3.84
CA HIS A 138 -8.49 3.56 -4.82
C HIS A 138 -9.97 3.65 -4.49
N ALA A 139 -10.53 2.76 -3.69
CA ALA A 139 -11.97 2.74 -3.51
C ALA A 139 -12.45 4.03 -2.83
N LYS A 140 -13.61 4.49 -3.27
CA LYS A 140 -14.23 5.69 -2.76
C LYS A 140 -15.44 5.33 -1.94
N LYS A 141 -16.05 6.33 -1.30
CA LYS A 141 -17.14 6.03 -0.36
C LYS A 141 -18.24 5.22 -1.03
N ASP A 142 -18.51 5.49 -2.32
N ASP A 142 -18.56 5.52 -2.30
CA ASP A 142 -19.63 4.90 -3.05
CA ASP A 142 -19.60 4.78 -3.01
C ASP A 142 -19.20 4.31 -4.38
C ASP A 142 -19.18 4.49 -4.45
N GLU A 143 -17.90 4.08 -4.59
N GLU A 143 -17.96 3.97 -4.61
CA GLU A 143 -17.44 3.60 -5.88
CA GLU A 143 -17.47 3.59 -5.93
C GLU A 143 -16.26 2.66 -5.72
C GLU A 143 -16.26 2.69 -5.79
N ALA A 144 -16.38 1.47 -6.28
CA ALA A 144 -15.21 0.61 -6.47
C ALA A 144 -14.35 1.21 -7.59
N SER A 145 -13.03 1.00 -7.48
N SER A 145 -13.05 1.01 -7.48
CA SER A 145 -12.13 1.58 -8.46
CA SER A 145 -12.23 1.40 -8.62
C SER A 145 -10.81 0.84 -8.43
C SER A 145 -10.85 0.78 -8.47
N GLY A 146 -10.20 0.61 -9.61
CA GLY A 146 -8.81 0.19 -9.62
C GLY A 146 -8.52 -1.08 -8.84
N PHE A 147 -9.36 -2.08 -9.02
CA PHE A 147 -9.29 -3.39 -8.36
C PHE A 147 -9.74 -3.34 -6.91
N CYS A 148 -10.11 -2.17 -6.39
CA CYS A 148 -10.40 -1.96 -4.97
C CYS A 148 -11.90 -1.84 -4.77
N TYR A 149 -12.47 -2.79 -4.02
CA TYR A 149 -13.90 -2.75 -3.72
C TYR A 149 -14.21 -2.06 -2.39
N LEU A 150 -13.26 -2.01 -1.49
N LEU A 150 -13.25 -1.98 -1.50
CA LEU A 150 -13.40 -1.41 -0.17
CA LEU A 150 -13.43 -1.37 -0.20
C LEU A 150 -12.07 -0.77 0.15
C LEU A 150 -12.09 -0.80 0.21
N ASN A 151 -12.10 0.41 0.76
CA ASN A 151 -10.86 1.11 1.08
C ASN A 151 -10.43 0.76 2.50
N ASP A 152 -9.69 -0.34 2.62
CA ASP A 152 -9.27 -0.77 3.95
C ASP A 152 -8.34 0.23 4.59
N ALA A 153 -7.54 0.95 3.79
CA ALA A 153 -6.65 1.96 4.34
C ALA A 153 -7.42 3.06 5.07
N VAL A 154 -8.50 3.54 4.45
CA VAL A 154 -9.33 4.53 5.11
C VAL A 154 -9.90 3.97 6.41
N LEU A 155 -10.42 2.75 6.38
CA LEU A 155 -11.00 2.17 7.58
C LEU A 155 -9.96 2.06 8.69
N GLY A 156 -8.71 1.71 8.36
CA GLY A 156 -7.68 1.63 9.38
C GLY A 156 -7.33 3.00 9.94
N ILE A 157 -7.27 4.02 9.08
CA ILE A 157 -7.01 5.38 9.56
C ILE A 157 -8.10 5.83 10.51
N LEU A 158 -9.37 5.57 10.15
CA LEU A 158 -10.48 5.95 11.02
C LEU A 158 -10.41 5.25 12.36
N ARG A 159 -10.02 3.96 12.38
CA ARG A 159 -9.89 3.26 13.64
C ARG A 159 -8.75 3.86 14.48
N LEU A 160 -7.62 4.17 13.86
CA LEU A 160 -6.52 4.79 14.59
C LEU A 160 -6.92 6.13 15.20
N ARG A 161 -7.81 6.87 14.52
CA ARG A 161 -8.23 8.17 15.03
C ARG A 161 -8.98 8.06 16.35
N ARG A 162 -9.34 6.85 16.80
CA ARG A 162 -9.95 6.72 18.12
C ARG A 162 -8.97 7.07 19.23
N LYS A 163 -7.67 6.86 18.99
CA LYS A 163 -6.63 7.10 19.99
C LYS A 163 -5.54 8.07 19.55
N PHE A 164 -5.31 8.24 18.26
CA PHE A 164 -4.22 9.08 17.79
C PHE A 164 -4.78 10.31 17.09
N GLU A 165 -4.30 11.49 17.51
CA GLU A 165 -4.94 12.73 17.09
C GLU A 165 -4.66 13.08 15.64
N ARG A 166 -3.44 12.82 15.16
CA ARG A 166 -3.07 13.13 13.79
C ARG A 166 -2.46 11.89 13.16
N ILE A 167 -2.96 11.51 11.98
CA ILE A 167 -2.49 10.33 11.26
C ILE A 167 -1.80 10.79 9.98
N LEU A 168 -0.60 10.27 9.73
CA LEU A 168 0.09 10.47 8.46
C LEU A 168 -0.08 9.21 7.63
N TYR A 169 -0.61 9.36 6.42
CA TYR A 169 -0.74 8.27 5.45
C TYR A 169 0.30 8.49 4.36
N VAL A 170 1.16 7.49 4.12
CA VAL A 170 2.21 7.56 3.11
C VAL A 170 1.98 6.41 2.15
N ASP A 171 1.91 6.73 0.86
CA ASP A 171 1.50 5.77 -0.16
C ASP A 171 2.60 5.67 -1.22
N LEU A 172 3.32 4.56 -1.21
CA LEU A 172 4.45 4.32 -2.11
C LEU A 172 4.11 3.38 -3.26
N ASP A 173 2.84 3.00 -3.42
CA ASP A 173 2.39 2.27 -4.60
C ASP A 173 2.73 3.07 -5.84
N LEU A 174 2.87 2.38 -6.97
CA LEU A 174 3.08 3.07 -8.25
C LEU A 174 1.97 4.06 -8.55
N HIS A 175 0.74 3.78 -8.12
CA HIS A 175 -0.42 4.56 -8.47
C HIS A 175 -0.77 5.57 -7.37
N HIS A 176 -1.35 6.70 -7.79
CA HIS A 176 -1.81 7.72 -6.86
C HIS A 176 -2.81 7.14 -5.87
N GLY A 177 -2.61 7.46 -4.57
CA GLY A 177 -3.53 7.06 -3.53
C GLY A 177 -4.76 7.95 -3.46
N ASP A 178 -5.50 7.99 -4.55
CA ASP A 178 -6.62 8.93 -4.70
C ASP A 178 -7.76 8.67 -3.72
N GLY A 179 -8.13 7.41 -3.48
CA GLY A 179 -9.29 7.17 -2.64
C GLY A 179 -9.05 7.61 -1.21
N VAL A 180 -7.86 7.34 -0.69
CA VAL A 180 -7.50 7.78 0.66
C VAL A 180 -7.40 9.30 0.73
N GLU A 181 -6.73 9.90 -0.25
CA GLU A 181 -6.63 11.35 -0.29
C GLU A 181 -8.01 11.99 -0.30
N ASP A 182 -8.89 11.51 -1.16
CA ASP A 182 -10.22 12.09 -1.27
C ASP A 182 -11.00 11.96 0.03
N ALA A 183 -10.86 10.81 0.69
CA ALA A 183 -11.57 10.59 1.95
C ALA A 183 -11.23 11.67 2.98
N PHE A 184 -10.00 12.17 2.94
CA PHE A 184 -9.50 13.09 3.96
C PHE A 184 -9.18 14.46 3.40
N SER A 185 -9.65 14.77 2.19
N SER A 185 -9.66 14.76 2.19
CA SER A 185 -9.20 15.98 1.50
CA SER A 185 -9.26 15.97 1.48
C SER A 185 -9.57 17.27 2.22
C SER A 185 -9.53 17.24 2.29
N PHE A 186 -10.62 17.26 3.05
CA PHE A 186 -11.08 18.47 3.74
C PHE A 186 -10.63 18.57 5.19
N THR A 187 -9.82 17.65 5.69
CA THR A 187 -9.42 17.67 7.09
C THR A 187 -7.91 17.86 7.23
N SER A 188 -7.55 18.51 8.33
CA SER A 188 -6.17 18.68 8.73
C SER A 188 -5.73 17.63 9.74
N LYS A 189 -6.59 16.69 10.13
CA LYS A 189 -6.19 15.68 11.11
C LYS A 189 -5.55 14.45 10.48
N VAL A 190 -5.68 14.29 9.17
CA VAL A 190 -5.02 13.23 8.44
C VAL A 190 -4.29 13.88 7.27
N MET A 191 -2.99 13.67 7.16
N MET A 191 -2.99 13.69 7.21
CA MET A 191 -2.20 14.16 6.05
CA MET A 191 -2.16 14.11 6.08
C MET A 191 -1.87 12.98 5.16
C MET A 191 -1.98 12.91 5.18
N THR A 192 -2.16 13.11 3.87
CA THR A 192 -1.87 12.06 2.91
C THR A 192 -0.70 12.50 2.04
N VAL A 193 0.22 11.56 1.80
CA VAL A 193 1.42 11.80 0.99
C VAL A 193 1.51 10.63 0.01
N SER A 194 1.49 10.92 -1.28
CA SER A 194 1.59 9.89 -2.30
C SER A 194 2.71 10.22 -3.27
N LEU A 195 3.57 9.25 -3.51
CA LEU A 195 4.57 9.27 -4.58
C LEU A 195 4.06 8.30 -5.63
N HIS A 196 4.01 8.73 -6.89
CA HIS A 196 3.35 7.87 -7.88
C HIS A 196 3.74 8.32 -9.27
N LYS A 197 3.53 7.43 -10.24
CA LYS A 197 3.62 7.81 -11.64
C LYS A 197 2.49 8.75 -12.01
N PHE A 198 2.83 9.81 -12.72
CA PHE A 198 1.86 10.79 -13.18
C PHE A 198 2.19 11.10 -14.62
N SER A 199 1.30 10.71 -15.52
N SER A 199 1.33 10.66 -15.53
CA SER A 199 1.57 10.84 -16.95
CA SER A 199 1.57 10.79 -16.96
C SER A 199 0.24 10.73 -17.67
C SER A 199 0.22 10.76 -17.65
N PRO A 200 0.08 11.40 -18.82
CA PRO A 200 -1.22 11.37 -19.52
C PRO A 200 -1.66 9.94 -19.78
N GLY A 201 -2.89 9.64 -19.35
CA GLY A 201 -3.48 8.34 -19.56
C GLY A 201 -3.11 7.31 -18.51
N PHE A 202 -2.23 7.64 -17.57
CA PHE A 202 -1.83 6.67 -16.56
C PHE A 202 -2.78 6.74 -15.37
N PHE A 203 -3.33 5.60 -14.98
CA PHE A 203 -4.36 5.53 -13.93
C PHE A 203 -3.88 6.01 -12.58
N PRO A 204 -4.72 6.72 -11.80
CA PRO A 204 -6.09 7.18 -12.06
C PRO A 204 -6.19 8.57 -12.70
N GLY A 205 -5.05 9.16 -13.03
CA GLY A 205 -4.98 10.42 -13.72
C GLY A 205 -4.79 11.62 -12.81
N THR A 206 -4.98 11.45 -11.52
CA THR A 206 -4.94 12.51 -10.53
C THR A 206 -3.60 12.53 -9.81
N GLY A 207 -3.41 13.53 -8.96
CA GLY A 207 -2.23 13.61 -8.12
C GLY A 207 -1.04 14.37 -8.71
N ASP A 208 -1.30 15.44 -9.46
CA ASP A 208 -0.21 16.33 -9.78
C ASP A 208 0.26 17.05 -8.50
N VAL A 209 1.42 17.69 -8.57
CA VAL A 209 1.98 18.34 -7.39
C VAL A 209 1.08 19.47 -6.89
N SER A 210 0.26 20.05 -7.76
CA SER A 210 -0.67 21.10 -7.38
C SER A 210 -1.90 20.59 -6.64
N ASP A 211 -2.09 19.29 -6.54
CA ASP A 211 -3.16 18.71 -5.73
C ASP A 211 -2.72 18.75 -4.28
N VAL A 212 -3.31 19.67 -3.52
CA VAL A 212 -2.91 19.97 -2.15
C VAL A 212 -4.03 19.80 -1.13
N GLY A 213 -5.23 19.41 -1.56
CA GLY A 213 -6.34 19.32 -0.63
C GLY A 213 -7.19 20.58 -0.63
N LEU A 214 -8.27 20.54 0.15
CA LEU A 214 -9.33 21.53 0.08
C LEU A 214 -9.73 22.05 1.46
N GLY A 215 -10.11 23.32 1.50
CA GLY A 215 -10.65 23.89 2.74
C GLY A 215 -9.61 23.92 3.83
N LYS A 216 -10.02 23.52 5.03
CA LYS A 216 -9.06 23.39 6.11
C LYS A 216 -8.07 22.29 5.86
N GLY A 217 -8.35 21.41 4.91
CA GLY A 217 -7.39 20.42 4.47
C GLY A 217 -6.37 20.92 3.48
N ARG A 218 -6.40 22.19 3.08
CA ARG A 218 -5.44 22.66 2.11
C ARG A 218 -4.02 22.53 2.67
N TYR A 219 -3.13 21.90 1.89
CA TYR A 219 -1.75 21.58 2.20
C TYR A 219 -1.61 20.31 3.05
N TYR A 220 -2.71 19.64 3.36
CA TYR A 220 -2.69 18.36 4.06
C TYR A 220 -2.89 17.19 3.12
N SER A 221 -2.75 17.43 1.81
CA SER A 221 -2.46 16.40 0.82
C SER A 221 -1.17 16.79 0.10
N VAL A 222 -0.26 15.84 -0.02
CA VAL A 222 1.01 16.02 -0.71
C VAL A 222 1.08 14.97 -1.81
N ASN A 223 1.43 15.40 -3.02
CA ASN A 223 1.54 14.53 -4.18
C ASN A 223 2.86 14.77 -4.89
N VAL A 224 3.58 13.69 -5.18
CA VAL A 224 4.88 13.74 -5.84
C VAL A 224 4.75 13.01 -7.15
N PRO A 225 4.52 13.73 -8.26
CA PRO A 225 4.41 13.08 -9.56
C PRO A 225 5.78 12.71 -10.08
N ILE A 226 5.93 11.46 -10.51
CA ILE A 226 7.23 10.91 -10.95
C ILE A 226 7.04 10.23 -12.30
N GLN A 227 8.09 10.25 -13.13
CA GLN A 227 8.07 9.64 -14.44
C GLN A 227 8.72 8.26 -14.43
N ASP A 228 8.50 7.54 -15.53
CA ASP A 228 9.08 6.22 -15.72
C ASP A 228 10.58 6.20 -15.43
N GLY A 229 11.02 5.06 -14.89
CA GLY A 229 12.43 4.74 -14.87
C GLY A 229 13.16 5.19 -13.63
N ILE A 230 12.46 5.74 -12.63
N ILE A 230 12.46 5.74 -12.63
CA ILE A 230 13.11 6.14 -11.39
CA ILE A 230 13.16 6.17 -11.43
C ILE A 230 13.78 4.94 -10.75
C ILE A 230 13.77 4.95 -10.73
N GLN A 231 14.94 5.17 -10.15
CA GLN A 231 15.72 4.14 -9.47
C GLN A 231 15.84 4.48 -7.98
N ASP A 232 16.43 3.54 -7.23
CA ASP A 232 16.44 3.59 -5.77
C ASP A 232 16.99 4.89 -5.23
N GLU A 233 18.14 5.32 -5.71
CA GLU A 233 18.81 6.45 -5.08
C GLU A 233 17.98 7.73 -5.19
N LYS A 234 17.50 8.05 -6.39
N LYS A 234 17.50 8.04 -6.39
CA LYS A 234 16.74 9.27 -6.56
CA LYS A 234 16.74 9.25 -6.59
C LYS A 234 15.40 9.17 -5.85
C LYS A 234 15.41 9.17 -5.88
N TYR A 235 14.76 8.01 -5.91
CA TYR A 235 13.47 7.85 -5.25
C TYR A 235 13.62 8.09 -3.75
N TYR A 236 14.66 7.52 -3.15
CA TYR A 236 14.86 7.74 -1.73
C TYR A 236 15.17 9.21 -1.44
N GLN A 237 15.97 9.86 -2.27
CA GLN A 237 16.26 11.27 -2.02
C GLN A 237 14.98 12.09 -2.03
N ILE A 238 14.09 11.81 -2.99
CA ILE A 238 12.80 12.49 -3.06
C ILE A 238 11.99 12.19 -1.82
N CYS A 239 11.85 10.91 -1.50
CA CYS A 239 10.98 10.51 -0.39
C CYS A 239 11.49 11.07 0.92
N GLU A 240 12.80 11.00 1.15
CA GLU A 240 13.36 11.50 2.39
C GLU A 240 13.14 13.00 2.53
N SER A 241 13.38 13.75 1.45
N SER A 241 13.36 13.75 1.44
N SER A 241 13.31 13.76 1.45
CA SER A 241 13.17 15.19 1.46
CA SER A 241 13.17 15.20 1.48
CA SER A 241 13.19 15.21 1.58
C SER A 241 11.75 15.53 1.88
C SER A 241 11.75 15.53 1.88
C SER A 241 11.73 15.63 1.78
N VAL A 242 10.78 14.88 1.23
CA VAL A 242 9.37 15.15 1.52
C VAL A 242 9.03 14.73 2.93
N LEU A 243 9.44 13.54 3.34
CA LEU A 243 9.03 13.05 4.65
C LEU A 243 9.64 13.86 5.80
N LYS A 244 10.86 14.34 5.65
CA LYS A 244 11.45 15.19 6.68
C LYS A 244 10.61 16.46 6.85
N GLU A 245 10.19 17.06 5.74
CA GLU A 245 9.38 18.27 5.78
C GLU A 245 8.00 18.00 6.36
N VAL A 246 7.39 16.87 5.96
CA VAL A 246 6.07 16.51 6.46
C VAL A 246 6.11 16.26 7.96
N TYR A 247 7.10 15.52 8.43
CA TYR A 247 7.18 15.21 9.86
C TYR A 247 7.28 16.50 10.68
N GLN A 248 8.14 17.43 10.26
CA GLN A 248 8.33 18.66 11.00
C GLN A 248 7.09 19.53 10.97
N ALA A 249 6.38 19.54 9.85
CA ALA A 249 5.22 20.41 9.70
C ALA A 249 3.98 19.85 10.37
N PHE A 250 3.81 18.53 10.37
CA PHE A 250 2.57 17.89 10.73
C PHE A 250 2.62 17.19 12.09
N ASN A 251 3.78 16.77 12.55
CA ASN A 251 3.92 16.12 13.86
C ASN A 251 2.93 14.97 14.04
N PRO A 252 3.01 13.95 13.20
CA PRO A 252 2.03 12.86 13.27
C PRO A 252 2.14 12.09 14.58
N LYS A 253 1.02 11.51 14.99
CA LYS A 253 0.97 10.62 16.13
C LYS A 253 0.91 9.16 15.75
N ALA A 254 0.57 8.84 14.50
CA ALA A 254 0.57 7.48 14.00
C ALA A 254 0.72 7.56 12.49
N VAL A 255 1.15 6.44 11.90
CA VAL A 255 1.44 6.38 10.47
C VAL A 255 0.76 5.16 9.87
N VAL A 256 0.18 5.33 8.70
CA VAL A 256 -0.28 4.23 7.87
C VAL A 256 0.52 4.29 6.59
N LEU A 257 1.18 3.18 6.24
CA LEU A 257 2.16 3.15 5.15
C LEU A 257 1.79 2.06 4.16
N GLN A 258 1.47 2.47 2.95
CA GLN A 258 1.08 1.59 1.85
C GLN A 258 2.31 1.37 0.97
N LEU A 259 2.65 0.10 0.77
CA LEU A 259 3.90 -0.30 0.17
C LEU A 259 3.69 -1.17 -1.07
N GLY A 260 2.73 -0.81 -1.91
CA GLY A 260 2.51 -1.55 -3.13
C GLY A 260 3.78 -1.74 -3.90
N ALA A 261 4.05 -2.97 -4.34
CA ALA A 261 5.31 -3.36 -4.94
C ALA A 261 5.30 -3.27 -6.46
N ASP A 262 4.36 -2.55 -7.04
CA ASP A 262 4.29 -2.36 -8.48
C ASP A 262 5.26 -1.29 -9.00
N THR A 263 6.09 -0.75 -8.13
CA THR A 263 7.22 0.10 -8.49
C THR A 263 8.47 -0.71 -8.82
N ILE A 264 8.50 -1.98 -8.47
CA ILE A 264 9.71 -2.79 -8.50
C ILE A 264 9.99 -3.24 -9.92
N ALA A 265 11.25 -3.15 -10.33
CA ALA A 265 11.67 -3.62 -11.64
C ALA A 265 11.12 -5.02 -11.89
N GLY A 266 10.59 -5.23 -13.10
CA GLY A 266 10.02 -6.51 -13.49
C GLY A 266 8.51 -6.60 -13.35
N ASP A 267 7.87 -5.57 -12.82
CA ASP A 267 6.41 -5.58 -12.69
C ASP A 267 5.78 -5.39 -14.07
N PRO A 268 4.65 -6.07 -14.35
CA PRO A 268 3.97 -5.80 -15.63
C PRO A 268 3.52 -4.36 -15.81
N MET A 269 3.41 -3.56 -14.75
CA MET A 269 3.16 -2.13 -14.93
C MET A 269 4.30 -1.43 -15.67
N CYS A 270 5.50 -1.99 -15.61
N CYS A 270 5.50 -1.99 -15.69
CA CYS A 270 6.64 -1.61 -16.45
CA CYS A 270 6.56 -1.55 -16.61
C CYS A 270 6.85 -0.10 -16.49
C CYS A 270 6.83 -0.04 -16.51
N SER A 271 6.92 0.50 -15.30
CA SER A 271 7.04 1.94 -15.15
C SER A 271 8.29 2.35 -14.39
N PHE A 272 8.32 2.15 -13.08
CA PHE A 272 9.48 2.51 -12.29
C PHE A 272 10.53 1.43 -12.38
N ASN A 273 11.72 1.72 -11.86
CA ASN A 273 12.84 0.80 -11.92
C ASN A 273 13.48 0.65 -10.55
N MET A 274 12.63 0.40 -9.54
N MET A 274 12.64 0.30 -9.58
CA MET A 274 13.01 0.33 -8.14
CA MET A 274 12.99 0.28 -8.17
C MET A 274 13.38 -1.09 -7.73
C MET A 274 13.39 -1.12 -7.74
N THR A 275 14.11 -1.18 -6.63
CA THR A 275 14.30 -2.47 -5.98
C THR A 275 13.78 -2.35 -4.55
N PRO A 276 13.59 -3.47 -3.86
CA PRO A 276 13.13 -3.38 -2.48
C PRO A 276 14.09 -2.63 -1.58
N VAL A 277 15.37 -2.52 -1.95
CA VAL A 277 16.31 -1.79 -1.10
C VAL A 277 15.91 -0.32 -1.00
N GLY A 278 15.53 0.28 -2.11
CA GLY A 278 15.15 1.68 -2.09
C GLY A 278 13.89 1.92 -1.29
N ILE A 279 12.88 1.06 -1.47
CA ILE A 279 11.67 1.17 -0.66
C ILE A 279 12.01 0.94 0.80
N GLY A 280 12.91 0.00 1.06
CA GLY A 280 13.30 -0.29 2.44
C GLY A 280 13.91 0.91 3.14
N LYS A 281 14.71 1.71 2.41
CA LYS A 281 15.26 2.92 3.02
C LYS A 281 14.16 3.91 3.39
N CYS A 282 13.12 4.02 2.54
CA CYS A 282 11.98 4.87 2.87
C CYS A 282 11.28 4.36 4.13
N LEU A 283 11.10 3.05 4.21
CA LEU A 283 10.46 2.42 5.36
C LEU A 283 11.28 2.66 6.62
N LYS A 284 12.59 2.46 6.56
CA LYS A 284 13.42 2.65 7.73
C LYS A 284 13.35 4.10 8.19
N TYR A 285 13.30 5.06 7.25
CA TYR A 285 13.25 6.47 7.63
C TYR A 285 11.98 6.75 8.43
N ILE A 286 10.87 6.12 8.07
CA ILE A 286 9.63 6.27 8.82
C ILE A 286 9.71 5.57 10.17
N LEU A 287 10.27 4.35 10.20
CA LEU A 287 10.35 3.61 11.45
C LEU A 287 11.19 4.36 12.49
N GLN A 288 12.15 5.20 12.09
CA GLN A 288 12.97 5.90 13.06
C GLN A 288 12.13 6.80 13.96
N TRP A 289 10.93 7.20 13.51
CA TRP A 289 10.08 8.08 14.30
C TRP A 289 9.48 7.38 15.51
N GLN A 290 9.49 6.05 15.53
CA GLN A 290 9.01 5.26 16.68
C GLN A 290 7.55 5.53 17.01
N LEU A 291 6.74 5.72 15.98
CA LEU A 291 5.30 5.92 16.12
C LEU A 291 4.58 4.61 15.81
N ALA A 292 3.37 4.49 16.35
CA ALA A 292 2.47 3.43 15.90
C ALA A 292 2.34 3.47 14.38
N THR A 293 2.66 2.35 13.73
CA THR A 293 2.75 2.29 12.28
C THR A 293 2.01 1.07 11.78
N LEU A 294 1.07 1.30 10.85
CA LEU A 294 0.26 0.25 10.25
C LEU A 294 0.80 0.06 8.84
N ILE A 295 1.28 -1.15 8.55
CA ILE A 295 1.96 -1.48 7.31
C ILE A 295 0.99 -2.23 6.42
N LEU A 296 0.84 -1.76 5.18
CA LEU A 296 -0.03 -2.35 4.18
C LEU A 296 0.73 -2.64 2.90
N GLY A 297 0.24 -3.65 2.16
CA GLY A 297 0.69 -3.91 0.82
C GLY A 297 -0.07 -3.06 -0.19
N GLY A 298 -0.50 -3.69 -1.29
CA GLY A 298 -1.28 -3.01 -2.31
C GLY A 298 -1.02 -3.66 -3.65
N GLY A 299 -0.68 -2.85 -4.65
CA GLY A 299 -0.29 -3.42 -5.93
C GLY A 299 0.97 -4.26 -5.84
N GLY A 300 1.29 -4.91 -6.95
CA GLY A 300 2.44 -5.80 -7.04
C GLY A 300 2.02 -7.00 -7.85
N TYR A 301 2.39 -7.01 -9.13
CA TYR A 301 1.79 -7.89 -10.11
C TYR A 301 2.82 -8.84 -10.72
N ASN A 302 4.09 -8.72 -10.37
CA ASN A 302 5.07 -9.80 -10.51
C ASN A 302 5.07 -10.49 -9.16
N LEU A 303 4.48 -11.68 -9.09
CA LEU A 303 4.13 -12.23 -7.80
C LEU A 303 5.38 -12.59 -7.02
N ALA A 304 6.34 -13.24 -7.66
CA ALA A 304 7.55 -13.59 -6.94
C ALA A 304 8.31 -12.35 -6.49
N ASN A 305 8.37 -11.30 -7.33
CA ASN A 305 9.07 -10.10 -6.90
C ASN A 305 8.33 -9.38 -5.79
N THR A 306 7.01 -9.43 -5.78
CA THR A 306 6.25 -8.82 -4.69
C THR A 306 6.51 -9.55 -3.39
N ALA A 307 6.54 -10.88 -3.42
CA ALA A 307 6.93 -11.65 -2.25
C ALA A 307 8.35 -11.33 -1.83
N ARG A 308 9.29 -11.22 -2.78
CA ARG A 308 10.66 -10.81 -2.43
C ARG A 308 10.64 -9.48 -1.72
N CYS A 309 9.88 -8.52 -2.26
CA CYS A 309 9.90 -7.18 -1.72
C CYS A 309 9.34 -7.16 -0.30
N TRP A 310 8.16 -7.76 -0.12
CA TRP A 310 7.52 -7.67 1.19
C TRP A 310 8.22 -8.54 2.22
N THR A 311 8.86 -9.62 1.79
CA THR A 311 9.68 -10.39 2.73
C THR A 311 10.88 -9.57 3.19
N TYR A 312 11.58 -8.94 2.22
CA TYR A 312 12.71 -8.07 2.55
C TYR A 312 12.26 -6.96 3.49
N LEU A 313 11.10 -6.33 3.22
CA LEU A 313 10.65 -5.23 4.08
C LEU A 313 10.26 -5.72 5.47
N THR A 314 9.73 -6.95 5.57
CA THR A 314 9.51 -7.55 6.89
C THR A 314 10.83 -7.68 7.63
N GLY A 315 11.88 -8.12 6.94
CA GLY A 315 13.22 -8.12 7.55
C GLY A 315 13.66 -6.75 8.01
N VAL A 316 13.43 -5.71 7.19
CA VAL A 316 13.75 -4.34 7.60
C VAL A 316 13.04 -3.97 8.90
N ILE A 317 11.74 -4.27 8.97
CA ILE A 317 10.96 -4.00 10.18
C ILE A 317 11.59 -4.68 11.40
N LEU A 318 12.08 -5.92 11.22
CA LEU A 318 12.64 -6.73 12.29
C LEU A 318 14.11 -6.46 12.54
N GLY A 319 14.75 -5.60 11.77
CA GLY A 319 16.17 -5.36 11.93
C GLY A 319 17.05 -6.52 11.51
N LYS A 320 16.59 -7.32 10.55
CA LYS A 320 17.26 -8.55 10.18
C LYS A 320 17.75 -8.49 8.75
N THR A 321 18.97 -8.97 8.54
CA THR A 321 19.54 -9.15 7.21
C THR A 321 19.25 -10.57 6.75
N LEU A 322 18.69 -10.71 5.55
CA LEU A 322 18.29 -12.01 5.03
C LEU A 322 19.34 -12.53 4.05
N SER A 323 19.46 -13.86 4.00
N SER A 323 19.45 -13.86 3.99
CA SER A 323 20.33 -14.49 3.03
CA SER A 323 20.35 -14.48 3.03
C SER A 323 19.87 -14.18 1.60
C SER A 323 19.87 -14.22 1.61
N SER A 324 20.83 -14.00 0.70
CA SER A 324 20.49 -13.77 -0.70
C SER A 324 19.81 -14.97 -1.32
N GLU A 325 20.17 -16.17 -0.89
CA GLU A 325 19.62 -17.38 -1.50
C GLU A 325 18.19 -17.60 -1.02
N ILE A 326 17.27 -17.72 -1.97
CA ILE A 326 15.88 -18.02 -1.62
C ILE A 326 15.90 -19.40 -0.98
N PRO A 327 15.37 -19.57 0.23
CA PRO A 327 15.28 -20.91 0.81
C PRO A 327 14.29 -21.78 0.06
N ASP A 328 14.61 -23.06 -0.05
N ASP A 328 14.60 -23.06 0.00
CA ASP A 328 13.66 -23.97 -0.66
CA ASP A 328 13.67 -24.04 -0.55
C ASP A 328 12.36 -23.92 0.12
C ASP A 328 12.33 -23.95 0.16
N HIS A 329 11.25 -23.91 -0.60
CA HIS A 329 9.92 -23.84 -0.03
C HIS A 329 8.95 -24.14 -1.18
N GLU A 330 7.65 -24.15 -0.89
CA GLU A 330 6.71 -24.72 -1.85
C GLU A 330 6.75 -24.01 -3.21
N PHE A 331 6.98 -22.69 -3.24
CA PHE A 331 6.95 -21.90 -4.48
C PHE A 331 8.32 -21.66 -5.08
N PHE A 332 9.29 -22.49 -4.75
CA PHE A 332 10.67 -22.26 -5.18
C PHE A 332 10.78 -21.94 -6.67
N THR A 333 10.08 -22.70 -7.55
CA THR A 333 10.30 -22.51 -8.98
C THR A 333 9.91 -21.12 -9.47
N ALA A 334 9.03 -20.42 -8.76
CA ALA A 334 8.65 -19.07 -9.17
C ALA A 334 9.81 -18.10 -9.08
N TYR A 335 10.86 -18.44 -8.32
CA TYR A 335 12.00 -17.56 -8.08
C TYR A 335 13.15 -17.80 -9.06
N GLY A 336 12.99 -18.72 -10.00
CA GLY A 336 14.01 -18.92 -11.01
C GLY A 336 14.02 -17.79 -12.01
N PRO A 337 15.08 -17.70 -12.84
CA PRO A 337 16.17 -18.69 -12.87
C PRO A 337 17.28 -18.45 -11.84
N ASP A 338 17.24 -17.32 -11.15
CA ASP A 338 18.32 -16.93 -10.27
C ASP A 338 18.17 -17.45 -8.85
N TYR A 339 16.95 -17.57 -8.36
CA TYR A 339 16.69 -18.07 -7.01
C TYR A 339 17.39 -17.23 -5.95
N VAL A 340 17.52 -15.92 -6.17
CA VAL A 340 18.01 -15.02 -5.14
C VAL A 340 16.95 -13.98 -4.79
N LEU A 341 17.14 -13.37 -3.62
CA LEU A 341 16.19 -12.40 -3.09
C LEU A 341 16.31 -11.04 -3.76
N GLU A 342 17.52 -10.63 -4.12
CA GLU A 342 17.73 -9.31 -4.69
C GLU A 342 17.15 -9.26 -6.08
N ILE A 343 16.74 -8.06 -6.47
CA ILE A 343 16.18 -7.80 -7.78
C ILE A 343 17.12 -6.87 -8.53
N THR A 344 17.37 -7.19 -9.77
N THR A 344 17.41 -7.21 -9.79
CA THR A 344 18.26 -6.38 -10.61
CA THR A 344 18.29 -6.36 -10.59
C THR A 344 17.45 -5.35 -11.38
C THR A 344 17.46 -5.35 -11.37
N PRO A 345 17.80 -4.07 -11.31
CA PRO A 345 17.08 -3.08 -12.11
C PRO A 345 17.20 -3.39 -13.59
N SER A 346 16.15 -3.04 -14.31
N SER A 346 16.22 -2.95 -14.35
CA SER A 346 16.14 -3.16 -15.74
CA SER A 346 16.31 -3.00 -15.79
C SER A 346 17.05 -2.09 -16.35
C SER A 346 17.25 -1.89 -16.29
N CYS A 347 17.34 -2.25 -17.63
N CYS A 347 17.40 -1.81 -17.61
CA CYS A 347 18.05 -1.22 -18.39
CA CYS A 347 18.34 -0.90 -18.25
C CYS A 347 16.98 -0.44 -19.16
C CYS A 347 17.68 0.33 -18.85
N ARG A 348 16.43 0.59 -18.52
CA ARG A 348 15.62 1.57 -19.21
C ARG A 348 15.92 2.99 -18.74
N PRO A 349 15.55 4.00 -19.53
CA PRO A 349 15.90 5.37 -19.18
C PRO A 349 15.19 5.83 -17.92
N ASP A 350 15.88 6.66 -17.14
CA ASP A 350 15.25 7.42 -16.07
C ASP A 350 14.73 8.71 -16.70
N ARG A 351 13.41 8.80 -16.85
CA ARG A 351 12.77 9.92 -17.53
C ARG A 351 12.56 11.12 -16.61
N ASN A 352 13.11 11.10 -15.41
CA ASN A 352 12.95 12.20 -14.46
C ASN A 352 14.07 13.20 -14.65
N GLU A 353 13.73 14.35 -15.17
CA GLU A 353 14.70 15.40 -15.42
C GLU A 353 15.05 16.06 -14.09
N PRO A 354 16.34 16.19 -13.77
CA PRO A 354 16.73 16.75 -12.46
C PRO A 354 16.04 18.06 -12.10
N HIS A 355 15.96 19.00 -13.04
CA HIS A 355 15.39 20.29 -12.69
C HIS A 355 13.88 20.24 -12.53
N ARG A 356 13.20 19.30 -13.17
CA ARG A 356 11.79 19.09 -12.89
C ARG A 356 11.57 18.53 -11.50
N ILE A 357 12.41 17.57 -11.07
CA ILE A 357 12.31 17.10 -9.70
C ILE A 357 12.55 18.22 -8.72
N GLN A 358 13.55 19.08 -8.99
CA GLN A 358 13.80 20.22 -8.12
C GLN A 358 12.56 21.10 -8.01
N GLN A 359 11.88 21.33 -9.14
CA GLN A 359 10.68 22.16 -9.12
C GLN A 359 9.60 21.55 -8.25
N ILE A 360 9.40 20.24 -8.39
CA ILE A 360 8.39 19.53 -7.60
C ILE A 360 8.72 19.64 -6.10
N LEU A 361 9.97 19.34 -5.73
CA LEU A 361 10.35 19.34 -4.34
C LEU A 361 10.27 20.74 -3.75
N ASN A 362 10.66 21.76 -4.51
CA ASN A 362 10.61 23.12 -4.00
C ASN A 362 9.18 23.57 -3.77
N TYR A 363 8.26 23.17 -4.65
CA TYR A 363 6.85 23.48 -4.46
C TYR A 363 6.31 22.88 -3.16
N ILE A 364 6.57 21.58 -2.95
CA ILE A 364 6.13 20.92 -1.74
C ILE A 364 6.75 21.57 -0.51
N LYS A 365 8.05 21.86 -0.58
CA LYS A 365 8.75 22.46 0.55
C LYS A 365 8.08 23.76 0.98
N GLY A 366 7.70 24.60 0.01
CA GLY A 366 7.06 25.85 0.33
C GLY A 366 5.66 25.66 0.89
N ASN A 367 4.92 24.67 0.40
CA ASN A 367 3.58 24.42 0.86
C ASN A 367 3.53 23.96 2.30
N LEU A 368 4.62 23.35 2.80
CA LEU A 368 4.63 22.77 4.14
C LEU A 368 5.20 23.71 5.21
N LYS A 369 5.38 24.98 4.90
CA LYS A 369 5.75 25.94 5.93
C LYS A 369 5.00 27.25 5.77
N PHE B 1 -6.44 -1.65 -15.44
CA PHE B 1 -6.19 -2.60 -16.46
C PHE B 1 -7.01 -2.08 -17.66
N PHE B 2 -8.34 -1.76 -17.50
CA PHE B 2 -9.20 -1.35 -18.59
C PHE B 2 -9.04 0.08 -19.07
N CPI B 3 -9.02 1.22 -18.22
CE CPI B 3 -8.81 2.53 -18.86
CD CPI B 3 -9.52 3.69 -18.18
CG CPI B 3 -9.35 3.63 -16.69
CB CPI B 3 -9.79 2.30 -16.15
CA CPI B 3 -9.04 1.12 -16.78
C CPI B 3 -7.59 0.99 -16.26
O CPI B 3 -6.61 1.08 -16.99
HE2 CPI B 3 -7.86 2.73 -18.88
HE3 CPI B 3 -9.07 2.51 -19.79
HD2 CPI B 3 -10.47 3.67 -18.40
HD3 CPI B 3 -9.24 4.54 -18.53
HG2 CPI B 3 -8.42 3.80 -16.45
HG3 CPI B 3 -9.83 4.36 -16.25
HB2 CPI B 3 -10.74 2.20 -16.28
HB3 CPI B 3 -9.65 2.28 -15.18
HA CPI B 3 -9.48 0.31 -16.52
O01 5OM B 4 -1.92 -1.14 -7.83
C02 5OM B 4 -3.13 -0.55 -7.40
C03 5OM B 4 -4.24 -0.88 -8.40
C04 5OM B 4 -3.98 -0.40 -9.81
C05 5OM B 4 -5.25 -0.32 -10.63
C06 5OM B 4 -5.00 -0.06 -12.09
C07 5OM B 4 -6.29 0.18 -12.83
CA 5OM B 4 -6.11 0.48 -14.30
N 5OM B 4 -7.42 0.78 -14.92
C 5OM B 4 -5.55 -0.67 -15.09
O 5OM B 4 -4.36 -0.72 -15.41
O02 5OM B 4 -2.88 0.82 -7.34
C30 5OM B 4 -3.40 -1.03 -5.96
C31 5OM B 4 -4.38 -2.10 -5.63
O32 5OM B 4 -4.73 -0.71 -5.46
H1 5OM B 4 -1.38 -1.20 -7.17
H20 5OM B 4 -4.37 -1.84 -8.39
H3 5OM B 4 -5.08 -0.53 -8.05
H4 5OM B 4 -3.55 0.46 -9.76
H5 5OM B 4 -3.34 -0.99 -10.23
H6 5OM B 4 -5.80 0.39 -10.27
H7 5OM B 4 -5.79 -1.12 -10.51
H8 5OM B 4 -4.50 -0.77 -12.49
H9 5OM B 4 -4.44 0.72 -12.18
H10 5OM B 4 -6.78 0.91 -12.41
H11 5OM B 4 -6.85 -0.60 -12.74
HA 5OM B 4 -5.52 1.23 -14.38
H 5OM B 4 -8.13 0.65 -14.40
H16 5OM B 4 -3.60 1.25 -7.16
H17 5OM B 4 -2.67 -0.87 -5.34
H18 5OM B 4 -4.87 -2.59 -6.32
H19 5OM B 4 -4.30 -2.65 -4.83
ZN ZN C . -0.57 0.22 -8.02
K K D . 1.44 6.09 -4.41
K K E . -5.98 15.74 4.40
C1 EDO F . -23.02 -8.12 7.93
O1 EDO F . -21.91 -7.47 8.41
C2 EDO F . -24.21 -7.81 8.87
O2 EDO F . -24.41 -6.45 8.87
H11 EDO F . -23.25 -7.87 7.02
H12 EDO F . -22.89 -9.08 7.92
HO1 EDO F . -21.26 -7.74 7.94
H21 EDO F . -24.98 -8.28 8.55
H22 EDO F . -24.02 -8.17 9.75
HO2 EDO F . -25.07 -6.32 9.40
C1 EDO G . -7.82 11.11 19.38
O1 EDO G . -8.99 11.01 20.10
C2 EDO G . -7.48 12.61 19.36
O2 EDO G . -7.51 13.03 20.68
H11 EDO G . -7.87 10.77 18.48
H12 EDO G . -7.08 10.64 19.82
HO1 EDO G . -9.32 10.25 19.89
H21 EDO G . -6.59 12.72 18.98
H22 EDO G . -8.10 13.08 18.78
HO2 EDO G . -6.80 13.47 20.80
C1 EDO H . -11.36 -14.81 5.75
O1 EDO H . -12.66 -14.62 6.20
C2 EDO H . -10.54 -13.61 6.25
O2 EDO H . -10.35 -13.71 7.59
H11 EDO H . -10.95 -15.64 6.04
H12 EDO H . -11.33 -14.82 4.77
HO1 EDO H . -13.11 -15.28 5.90
H21 EDO H . -9.69 -13.61 5.79
H22 EDO H . -10.99 -12.78 5.99
HO2 EDO H . -9.87 -13.05 7.81
C1 EDO I . -1.15 -6.35 -14.22
O1 EDO I . -0.62 -5.15 -14.63
C2 EDO I . -2.52 -6.02 -13.62
O2 EDO I . -3.10 -5.10 -14.50
H11 EDO I . -1.25 -7.01 -14.92
H12 EDO I . -0.60 -6.77 -13.53
HO1 EDO I . 0.21 -5.18 -14.46
H21 EDO I . -3.05 -6.83 -13.56
H22 EDO I . -2.41 -5.68 -12.72
HO2 EDO I . -3.90 -4.98 -14.22
C1 EDO J . 15.07 -7.69 -2.66
C1 EDO J . 14.59 -7.98 -2.15
O1 EDO J . 14.00 -8.38 -2.07
O1 EDO J . 14.85 -7.76 -3.51
C2 EDO J . 16.25 -7.78 -1.68
C2 EDO J . 15.95 -7.88 -1.47
O2 EDO J . 17.17 -6.81 -2.05
O2 EDO J . 16.40 -6.60 -1.74
H11 EDO J . 14.87 -6.75 -2.85
H11 EDO J . 13.97 -7.35 -1.75
H12 EDO J . 15.33 -8.09 -3.50
H12 EDO J . 14.23 -8.87 -2.00
HO1 EDO J . 14.01 -9.15 -2.42
HO1 EDO J . 14.27 -8.22 -3.94
H21 EDO J . 16.64 -8.68 -1.76
H21 EDO J . 15.84 -8.02 -0.51
H22 EDO J . 15.94 -7.71 -0.77
H22 EDO J . 16.54 -8.58 -1.78
HO2 EDO J . 17.41 -6.43 -1.33
HO2 EDO J . 17.22 -6.58 -1.51
C1 EDO K . -7.17 7.11 -15.57
C1 EDO K . -7.14 7.04 -15.86
O1 EDO K . -6.62 6.27 -16.53
O1 EDO K . -8.50 7.26 -15.69
C2 EDO K . -6.87 8.55 -16.05
C2 EDO K . -6.52 8.39 -16.31
O2 EDO K . -5.60 8.54 -16.64
O2 EDO K . -5.14 8.20 -16.44
H11 EDO K . -6.83 6.97 -14.68
H11 EDO K . -6.68 6.71 -15.06
H12 EDO K . -8.13 7.00 -15.54
H12 EDO K . -6.97 6.38 -16.55
HO1 EDO K . -6.18 5.68 -16.10
HO1 EDO K . -8.89 6.64 -16.11
H21 EDO K . -6.88 9.13 -15.27
H21 EDO K . -6.72 9.05 -15.63
H22 EDO K . -7.57 8.87 -16.63
H22 EDO K . -6.96 8.70 -17.12
HO2 EDO K . -5.74 8.57 -17.47
HO2 EDO K . -4.81 8.97 -16.57
C1 EDO L . -10.52 5.94 -7.24
O1 EDO L . -11.06 7.01 -6.49
C2 EDO L . -10.44 6.28 -8.72
O2 EDO L . -9.36 5.55 -9.18
H11 EDO L . -9.65 5.66 -6.93
H12 EDO L . -11.09 5.16 -7.15
HO1 EDO L . -10.55 7.10 -5.82
H21 EDO L . -10.29 7.23 -8.82
H22 EDO L . -11.28 6.08 -9.17
HO2 EDO L . -9.67 5.00 -9.75
C1 EDO M . -10.53 -5.26 -3.44
O1 EDO M . -9.21 -5.79 -3.41
C2 EDO M . -10.71 -4.35 -2.21
O2 EDO M . -10.17 -4.97 -1.14
H11 EDO M . -10.73 -4.78 -4.25
H12 EDO M . -11.18 -5.98 -3.39
HO1 EDO M . -9.05 -6.06 -4.19
H21 EDO M . -10.25 -3.51 -2.39
H22 EDO M . -11.65 -4.12 -2.11
HO2 EDO M . -10.17 -4.39 -0.51
C1 EDO N . -2.02 -10.59 -2.06
O1 EDO N . -0.87 -10.44 -1.31
C2 EDO N . -3.15 -11.14 -1.28
O2 EDO N . -4.25 -10.62 -1.84
H11 EDO N . -2.31 -9.77 -2.49
H12 EDO N . -1.85 -11.22 -2.79
HO1 EDO N . -0.54 -9.69 -1.55
H21 EDO N . -3.07 -10.85 -0.36
H22 EDO N . -3.13 -12.11 -1.27
HO2 EDO N . -4.48 -11.15 -2.47
C1 EDO O . 5.25 23.36 -9.42
O1 EDO O . 5.28 23.10 -10.79
C2 EDO O . 5.10 24.89 -9.30
O2 EDO O . 4.06 25.21 -10.15
H11 EDO O . 6.05 23.07 -8.94
H12 EDO O . 4.50 22.94 -8.99
HO1 EDO O . 4.67 22.52 -10.93
H21 EDO O . 4.89 25.10 -8.39
H22 EDO O . 5.94 25.32 -9.52
HO2 EDO O . 4.19 26.02 -10.38
C1 DIO P . 0.97 21.29 7.34
C2 DIO P . 1.94 23.44 7.33
C1' DIO P . 0.11 21.70 6.13
C2' DIO P . 1.07 23.82 6.11
O1 DIO P . 2.13 22.06 7.27
O1' DIO P . -0.08 23.07 6.22
H11 DIO P . 1.16 20.34 7.31
H12 DIO P . 0.59 21.43 8.21
H21 DIO P . 1.59 23.64 8.20
H22 DIO P . 2.77 23.93 7.29
H1'1 DIO P . 0.56 21.44 5.30
H1'2 DIO P . -0.77 21.28 6.06
H2'1 DIO P . 0.91 24.76 6.09
H2'2 DIO P . 1.44 23.62 5.24
C1 DIO Q . -15.19 9.61 7.71
C2 DIO Q . -13.46 10.21 6.22
C1' DIO Q . -16.23 10.09 6.69
C2' DIO Q . -14.53 10.50 5.14
O1 DIO Q . -14.03 10.33 7.47
O1' DIO Q . -15.69 9.77 5.46
H11 DIO Q . -15.06 8.66 7.61
H12 DIO Q . -15.42 9.73 8.65
H21 DIO Q . -13.06 9.33 6.19
H22 DIO Q . -12.71 10.81 6.10
H1'1 DIO Q . -16.37 11.04 6.79
H1'2 DIO Q . -17.11 9.70 6.73
H2'1 DIO Q . -14.17 10.26 4.27
H2'2 DIO Q . -14.80 11.43 5.04
#